data_4YQ0
#
_entry.id   4YQ0
#
_cell.length_a   94.746
_cell.length_b   94.746
_cell.length_c   178.511
_cell.angle_alpha   90.000
_cell.angle_beta   90.000
_cell.angle_gamma   120.000
#
_symmetry.space_group_name_H-M   'H 3 2'
#
loop_
_entity.id
_entity.type
_entity.pdbx_description
1 polymer 'tRNA (guanine-N(1)-)-methyltransferase'
2 non-polymer 4-amino-N-(4-chlorobenzyl)-1,2,5-oxadiazole-3-carboxamide
3 water water
#
_entity_poly.entity_id   1
_entity_poly.type   'polypeptide(L)'
_entity_poly.pdbx_seq_one_letter_code
;GLVPRGSHMWIGVISLFPEMFKAITEFGVTGRAVKHNLLKVECWNPRDFTFDKHKTVDDRPYGGGPGMLMMVQPLRDAIH
TAKAAAGEGAKVIYLSPQGRKLDQGGVTELAQNQKLILVCGRYEGIDERLIQTEIDEEWSIGDYVLTGGELPAMTLIDAV
ARFIPGVLGKQASAEEDSFADGLLDCPHYTRPEVLEGLTVPPVLMSGHHEEIRKWRLKQSLQRTWLRRPELLEGLALTDE
QRKLLKEAQAEHNS
;
_entity_poly.pdbx_strand_id   A
#
loop_
_chem_comp.id
_chem_comp.type
_chem_comp.name
_chem_comp.formula
4FM non-polymer 4-amino-N-(4-chlorobenzyl)-1,2,5-oxadiazole-3-carboxamide 'C10 H9 Cl N4 O2'
#
# COMPACT_ATOMS: atom_id res chain seq x y z
N GLY A 6 13.35 -8.74 -14.44
CA GLY A 6 14.56 -8.76 -13.64
C GLY A 6 14.24 -8.85 -12.16
N SER A 7 13.81 -7.73 -11.58
CA SER A 7 13.41 -7.70 -10.18
C SER A 7 11.92 -7.97 -10.03
N HIS A 8 11.39 -8.89 -10.83
CA HIS A 8 9.98 -9.22 -10.76
C HIS A 8 9.60 -9.70 -9.37
N MET A 9 8.33 -9.55 -9.06
CA MET A 9 7.84 -9.84 -7.73
C MET A 9 6.73 -10.85 -7.82
N TRP A 10 6.72 -11.78 -6.88
CA TRP A 10 5.65 -12.76 -6.78
C TRP A 10 4.88 -12.50 -5.50
N ILE A 11 3.55 -12.39 -5.60
CA ILE A 11 2.78 -12.20 -4.38
C ILE A 11 1.69 -13.26 -4.29
N GLY A 12 1.77 -14.06 -3.24
CA GLY A 12 0.72 -15.03 -2.97
C GLY A 12 -0.29 -14.38 -2.05
N VAL A 13 -1.57 -14.70 -2.26
CA VAL A 13 -2.65 -14.09 -1.50
C VAL A 13 -3.54 -15.18 -0.96
N ILE A 14 -3.91 -15.07 0.32
CA ILE A 14 -4.89 -15.96 0.92
C ILE A 14 -6.15 -15.13 1.14
N SER A 15 -7.25 -15.49 0.48
CA SER A 15 -8.47 -14.68 0.53
C SER A 15 -9.71 -15.49 0.24
N LEU A 16 -10.78 -15.23 0.99
CA LEU A 16 -12.10 -15.79 0.71
C LEU A 16 -12.76 -15.18 -0.53
N PHE A 17 -12.21 -14.07 -0.99
CA PHE A 17 -12.75 -13.38 -2.17
C PHE A 17 -11.67 -13.04 -3.19
N PRO A 18 -11.04 -14.07 -3.78
CA PRO A 18 -9.91 -13.83 -4.69
C PRO A 18 -10.28 -12.98 -5.91
N GLU A 19 -11.53 -13.01 -6.32
CA GLU A 19 -11.95 -12.22 -7.49
C GLU A 19 -11.80 -10.71 -7.24
N MET A 20 -11.75 -10.29 -5.98
CA MET A 20 -11.51 -8.86 -5.70
C MET A 20 -10.21 -8.38 -6.32
N PHE A 21 -9.25 -9.29 -6.43
CA PHE A 21 -7.90 -8.90 -6.87
C PHE A 21 -7.83 -8.59 -8.36
N LYS A 22 -8.88 -8.91 -9.10
CA LYS A 22 -8.98 -8.42 -10.47
C LYS A 22 -8.88 -6.90 -10.53
N ALA A 23 -9.24 -6.21 -9.45
CA ALA A 23 -9.18 -4.75 -9.46
C ALA A 23 -7.74 -4.28 -9.70
N ILE A 24 -6.76 -5.03 -9.21
CA ILE A 24 -5.40 -4.61 -9.52
C ILE A 24 -4.76 -5.42 -10.64
N THR A 25 -5.19 -6.67 -10.87
CA THR A 25 -4.50 -7.46 -11.89
C THR A 25 -5.01 -7.21 -13.31
N GLU A 26 -6.18 -6.59 -13.45
CA GLU A 26 -6.76 -6.37 -14.77
C GLU A 26 -6.79 -4.92 -15.27
N PHE A 27 -6.39 -3.96 -14.45
CA PHE A 27 -6.53 -2.54 -14.79
C PHE A 27 -5.31 -1.70 -14.49
N GLY A 28 -5.07 -0.72 -15.36
CA GLY A 28 -4.06 0.29 -15.09
C GLY A 28 -2.63 -0.20 -15.10
N VAL A 29 -1.78 0.56 -14.41
CA VAL A 29 -0.35 0.27 -14.28
C VAL A 29 -0.07 -1.11 -13.72
N THR A 30 -0.82 -1.52 -12.70
CA THR A 30 -0.60 -2.83 -12.08
C THR A 30 -1.08 -3.93 -13.03
N GLY A 31 -2.16 -3.65 -13.76
CA GLY A 31 -2.65 -4.59 -14.78
C GLY A 31 -1.58 -4.83 -15.83
N ARG A 32 -0.96 -3.75 -16.28
CA ARG A 32 0.13 -3.85 -17.25
CA ARG A 32 0.13 -3.85 -17.25
C ARG A 32 1.30 -4.65 -16.67
N ALA A 33 1.62 -4.39 -15.40
CA ALA A 33 2.72 -5.10 -14.75
C ALA A 33 2.46 -6.61 -14.74
N VAL A 34 1.21 -6.99 -14.50
CA VAL A 34 0.87 -8.41 -14.48
C VAL A 34 0.96 -9.01 -15.88
N LYS A 35 0.39 -8.33 -16.88
CA LYS A 35 0.46 -8.80 -18.27
C LYS A 35 1.91 -8.98 -18.72
N HIS A 36 2.79 -8.07 -18.30
CA HIS A 36 4.20 -8.11 -18.73
C HIS A 36 5.10 -9.00 -17.85
N ASN A 37 4.49 -9.73 -16.93
CA ASN A 37 5.20 -10.66 -16.05
C ASN A 37 6.18 -9.97 -15.09
N LEU A 38 5.93 -8.71 -14.76
CA LEU A 38 6.78 -8.00 -13.80
C LEU A 38 6.25 -8.27 -12.41
N LEU A 39 4.96 -8.56 -12.36
CA LEU A 39 4.24 -8.83 -11.12
C LEU A 39 3.39 -10.07 -11.32
N LYS A 40 3.48 -11.01 -10.40
CA LYS A 40 2.55 -12.14 -10.42
C LYS A 40 1.79 -12.21 -9.10
N VAL A 41 0.47 -12.34 -9.18
CA VAL A 41 -0.38 -12.42 -8.00
C VAL A 41 -1.14 -13.73 -8.06
N GLU A 42 -0.94 -14.58 -7.05
CA GLU A 42 -1.50 -15.92 -7.08
C GLU A 42 -2.35 -16.09 -5.83
N CYS A 43 -3.60 -16.53 -6.00
CA CYS A 43 -4.56 -16.57 -4.90
C CYS A 43 -4.93 -18.00 -4.49
N TRP A 44 -5.04 -18.21 -3.19
CA TRP A 44 -5.60 -19.42 -2.61
C TRP A 44 -6.77 -19.05 -1.71
N ASN A 45 -7.87 -19.80 -1.83
CA ASN A 45 -9.11 -19.51 -1.11
C ASN A 45 -9.34 -20.57 -0.03
N PRO A 46 -9.35 -20.18 1.26
CA PRO A 46 -9.61 -21.18 2.31
C PRO A 46 -10.85 -22.02 2.05
N ARG A 47 -11.85 -21.47 1.36
CA ARG A 47 -13.04 -22.27 1.07
C ARG A 47 -12.70 -23.55 0.30
N ASP A 48 -11.67 -23.50 -0.55
CA ASP A 48 -11.26 -24.69 -1.30
C ASP A 48 -10.57 -25.76 -0.44
N PHE A 49 -10.27 -25.41 0.81
CA PHE A 49 -9.57 -26.34 1.71
C PHE A 49 -10.49 -26.90 2.79
N THR A 50 -11.78 -26.61 2.66
CA THR A 50 -12.79 -27.19 3.55
C THR A 50 -13.17 -28.60 3.14
N PHE A 51 -13.72 -29.37 4.09
CA PHE A 51 -14.14 -30.73 3.78
C PHE A 51 -15.61 -31.00 4.09
N ASP A 52 -16.28 -30.08 4.78
CA ASP A 52 -17.67 -30.32 5.11
C ASP A 52 -18.58 -29.90 3.95
N LYS A 53 -19.82 -30.39 3.97
CA LYS A 53 -20.74 -30.19 2.87
C LYS A 53 -20.97 -28.71 2.56
N HIS A 54 -21.00 -27.88 3.59
CA HIS A 54 -21.33 -26.47 3.39
C HIS A 54 -20.12 -25.55 3.32
N LYS A 55 -18.92 -26.14 3.26
CA LYS A 55 -17.69 -25.39 3.00
C LYS A 55 -17.53 -24.26 4.02
N THR A 56 -17.57 -24.65 5.28
CA THR A 56 -17.59 -23.71 6.39
C THR A 56 -16.23 -23.08 6.60
N VAL A 57 -16.16 -21.75 6.60
CA VAL A 57 -14.88 -21.08 6.75
C VAL A 57 -14.81 -20.15 7.96
N ASP A 58 -15.85 -20.14 8.79
CA ASP A 58 -15.79 -19.37 10.04
C ASP A 58 -15.99 -20.29 11.24
N ASP A 59 -15.74 -19.74 12.44
CA ASP A 59 -15.86 -20.55 13.65
C ASP A 59 -16.09 -19.61 14.83
N ARG A 60 -16.62 -20.16 15.91
CA ARG A 60 -17.01 -19.38 17.10
C ARG A 60 -15.81 -19.09 17.98
N PRO A 61 -15.75 -17.87 18.54
CA PRO A 61 -14.63 -17.52 19.43
C PRO A 61 -14.78 -18.13 20.80
N TYR A 62 -13.71 -18.71 21.33
CA TYR A 62 -13.72 -19.06 22.74
C TYR A 62 -13.94 -17.82 23.57
N GLY A 63 -14.75 -17.95 24.61
CA GLY A 63 -15.03 -16.84 25.52
C GLY A 63 -16.26 -16.06 25.11
N GLY A 64 -16.86 -16.45 23.98
CA GLY A 64 -18.08 -15.81 23.52
C GLY A 64 -17.83 -14.47 22.88
N GLY A 65 -18.91 -13.79 22.53
CA GLY A 65 -18.81 -12.51 21.84
C GLY A 65 -19.71 -12.51 20.62
N PRO A 66 -19.93 -11.32 20.05
CA PRO A 66 -20.84 -11.10 18.92
C PRO A 66 -20.31 -11.65 17.59
N GLY A 67 -19.00 -11.76 17.46
CA GLY A 67 -18.39 -12.04 16.17
C GLY A 67 -18.00 -13.48 15.93
N MET A 68 -17.53 -13.74 14.71
CA MET A 68 -16.96 -15.04 14.34
C MET A 68 -15.51 -14.82 13.95
N LEU A 69 -14.72 -15.88 14.00
CA LEU A 69 -13.35 -15.83 13.51
C LEU A 69 -13.24 -16.69 12.26
N MET A 70 -12.17 -16.49 11.50
CA MET A 70 -11.91 -17.45 10.43
CA MET A 70 -11.79 -17.43 10.44
C MET A 70 -11.60 -18.81 11.06
N MET A 71 -12.14 -19.85 10.42
CA MET A 71 -11.89 -21.20 10.89
C MET A 71 -10.42 -21.56 10.68
N VAL A 72 -9.82 -22.20 11.68
CA VAL A 72 -8.38 -22.45 11.65
C VAL A 72 -7.96 -23.43 10.54
N GLN A 73 -8.61 -24.58 10.45
CA GLN A 73 -8.07 -25.61 9.56
C GLN A 73 -8.02 -25.20 8.06
N PRO A 74 -9.12 -24.63 7.52
CA PRO A 74 -9.05 -24.22 6.11
C PRO A 74 -8.03 -23.10 5.86
N LEU A 75 -7.97 -22.16 6.79
CA LEU A 75 -7.04 -21.05 6.63
C LEU A 75 -5.59 -21.53 6.75
N ARG A 76 -5.32 -22.35 7.76
CA ARG A 76 -3.98 -22.91 7.95
C ARG A 76 -3.55 -23.72 6.72
N ASP A 77 -4.44 -24.58 6.22
CA ASP A 77 -4.08 -25.38 5.05
C ASP A 77 -3.82 -24.51 3.81
N ALA A 78 -4.58 -23.44 3.65
CA ALA A 78 -4.36 -22.54 2.51
C ALA A 78 -3.00 -21.85 2.64
N ILE A 79 -2.68 -21.38 3.84
CA ILE A 79 -1.38 -20.74 4.07
C ILE A 79 -0.23 -21.72 3.76
N HIS A 80 -0.34 -22.95 4.24
CA HIS A 80 0.70 -23.94 4.00
C HIS A 80 0.89 -24.22 2.52
N THR A 81 -0.22 -24.23 1.79
CA THR A 81 -0.15 -24.49 0.35
C THR A 81 0.55 -23.33 -0.38
N ALA A 82 0.24 -22.11 0.05
CA ALA A 82 0.88 -20.92 -0.53
C ALA A 82 2.37 -20.94 -0.24
N LYS A 83 2.74 -21.32 0.99
CA LYS A 83 4.13 -21.37 1.38
C LYS A 83 4.88 -22.41 0.55
N ALA A 84 4.25 -23.56 0.33
CA ALA A 84 4.88 -24.60 -0.51
C ALA A 84 5.09 -24.11 -1.94
N ALA A 85 4.12 -23.38 -2.48
CA ALA A 85 4.26 -22.83 -3.83
C ALA A 85 5.38 -21.79 -3.91
N ALA A 86 5.55 -21.00 -2.85
CA ALA A 86 6.47 -19.88 -2.86
C ALA A 86 7.92 -20.34 -2.76
N GLY A 87 8.13 -21.44 -2.05
CA GLY A 87 9.47 -21.92 -1.81
C GLY A 87 10.14 -21.12 -0.73
N GLU A 88 11.47 -21.18 -0.69
CA GLU A 88 12.24 -20.50 0.34
C GLU A 88 12.24 -19.00 0.14
N GLY A 89 12.27 -18.26 1.25
CA GLY A 89 12.48 -16.83 1.19
C GLY A 89 11.23 -15.96 1.17
N ALA A 90 10.05 -16.58 1.20
CA ALA A 90 8.83 -15.80 1.16
C ALA A 90 8.44 -15.31 2.56
N LYS A 91 8.18 -14.02 2.68
CA LYS A 91 7.75 -13.43 3.95
C LYS A 91 6.23 -13.40 4.00
N VAL A 92 5.67 -13.91 5.10
CA VAL A 92 4.22 -13.97 5.24
C VAL A 92 3.70 -12.79 6.05
N ILE A 93 2.78 -12.03 5.45
CA ILE A 93 2.29 -10.77 6.00
C ILE A 93 0.82 -10.90 6.36
N TYR A 94 0.45 -10.46 7.56
CA TYR A 94 -0.96 -10.39 7.92
C TYR A 94 -1.38 -8.92 7.99
N LEU A 95 -2.46 -8.57 7.30
CA LEU A 95 -2.97 -7.19 7.29
C LEU A 95 -4.01 -7.00 8.38
N SER A 96 -3.77 -6.08 9.32
CA SER A 96 -4.79 -5.72 10.31
C SER A 96 -4.46 -4.40 10.98
N PRO A 97 -5.44 -3.82 11.68
CA PRO A 97 -5.21 -2.57 12.42
C PRO A 97 -4.24 -2.71 13.59
N GLN A 98 -3.90 -3.95 13.96
CA GLN A 98 -2.95 -4.17 15.06
C GLN A 98 -1.52 -4.21 14.54
N GLY A 99 -1.34 -4.04 13.23
CA GLY A 99 -0.01 -4.14 12.67
C GLY A 99 0.79 -2.85 12.64
N ARG A 100 2.05 -2.99 12.22
CA ARG A 100 2.93 -1.86 12.00
C ARG A 100 2.35 -0.92 10.95
N LYS A 101 2.38 0.39 11.25
CA LYS A 101 1.75 1.35 10.35
C LYS A 101 2.54 1.51 9.05
N LEU A 102 1.88 1.25 7.93
CA LEU A 102 2.54 1.39 6.63
C LEU A 102 2.75 2.85 6.27
N ASP A 103 3.96 3.17 5.81
CA ASP A 103 4.27 4.45 5.18
C ASP A 103 5.23 4.19 4.03
N GLN A 104 5.66 5.22 3.32
CA GLN A 104 6.40 4.98 2.07
C GLN A 104 7.73 4.30 2.36
N GLY A 105 8.33 4.62 3.50
CA GLY A 105 9.55 3.95 3.92
C GLY A 105 9.32 2.45 4.12
N GLY A 106 8.21 2.12 4.77
CA GLY A 106 7.86 0.73 4.99
C GLY A 106 7.55 0.04 3.67
N VAL A 107 6.91 0.77 2.75
CA VAL A 107 6.68 0.23 1.41
C VAL A 107 8.02 -0.16 0.75
N THR A 108 9.00 0.72 0.83
CA THR A 108 10.29 0.45 0.19
C THR A 108 10.99 -0.73 0.86
N GLU A 109 10.79 -0.89 2.17
CA GLU A 109 11.32 -2.05 2.86
C GLU A 109 10.68 -3.35 2.39
N LEU A 110 9.35 -3.34 2.28
CA LEU A 110 8.63 -4.52 1.82
C LEU A 110 8.97 -4.86 0.38
N ALA A 111 9.24 -3.84 -0.42
CA ALA A 111 9.54 -4.03 -1.84
C ALA A 111 10.87 -4.73 -2.08
N GLN A 112 11.70 -4.83 -1.05
CA GLN A 112 12.99 -5.51 -1.18
C GLN A 112 12.80 -7.03 -1.26
N ASN A 113 11.61 -7.49 -0.94
CA ASN A 113 11.30 -8.93 -0.99
C ASN A 113 10.90 -9.36 -2.39
N GLN A 114 11.44 -10.47 -2.86
CA GLN A 114 11.07 -10.98 -4.17
C GLN A 114 9.75 -11.76 -4.07
N LYS A 115 9.48 -12.30 -2.88
CA LYS A 115 8.26 -13.07 -2.64
C LYS A 115 7.57 -12.61 -1.35
N LEU A 116 6.26 -12.37 -1.45
CA LEU A 116 5.45 -12.10 -0.28
C LEU A 116 4.21 -12.99 -0.31
N ILE A 117 3.72 -13.37 0.86
CA ILE A 117 2.41 -13.99 0.98
C ILE A 117 1.56 -13.11 1.87
N LEU A 118 0.40 -12.71 1.37
CA LEU A 118 -0.49 -11.81 2.11
C LEU A 118 -1.74 -12.53 2.57
N VAL A 119 -1.94 -12.52 3.89
CA VAL A 119 -3.10 -13.21 4.46
C VAL A 119 -4.19 -12.18 4.74
N CYS A 120 -5.35 -12.38 4.09
CA CYS A 120 -6.47 -11.44 4.19
C CYS A 120 -7.54 -11.99 5.11
N GLY A 121 -7.73 -11.32 6.24
CA GLY A 121 -8.73 -11.74 7.19
C GLY A 121 -10.11 -11.27 6.81
N ARG A 122 -11.11 -12.02 7.28
CA ARG A 122 -12.52 -11.61 7.20
CA ARG A 122 -12.50 -11.63 7.19
C ARG A 122 -13.14 -11.90 8.55
N TYR A 123 -14.38 -11.44 8.73
CA TYR A 123 -15.08 -11.58 10.01
C TYR A 123 -14.35 -10.80 11.09
N GLU A 124 -14.31 -11.34 12.30
CA GLU A 124 -13.88 -10.52 13.43
C GLU A 124 -12.46 -10.84 13.89
N GLY A 125 -11.75 -11.66 13.12
CA GLY A 125 -10.36 -11.96 13.42
C GLY A 125 -9.90 -13.34 12.98
N ILE A 126 -8.62 -13.60 13.20
CA ILE A 126 -8.09 -14.95 13.04
C ILE A 126 -7.47 -15.39 14.36
N ASP A 127 -7.35 -16.70 14.54
CA ASP A 127 -6.81 -17.24 15.78
C ASP A 127 -5.40 -16.71 16.06
N GLU A 128 -5.20 -16.23 17.28
CA GLU A 128 -3.93 -15.62 17.67
C GLU A 128 -2.75 -16.58 17.49
N ARG A 129 -3.00 -17.88 17.69
CA ARG A 129 -1.93 -18.86 17.56
C ARG A 129 -1.46 -19.03 16.10
N LEU A 130 -2.34 -18.78 15.14
CA LEU A 130 -1.90 -18.74 13.72
C LEU A 130 -1.00 -17.54 13.44
N ILE A 131 -1.26 -16.42 14.10
CA ILE A 131 -0.40 -15.27 13.93
C ILE A 131 0.96 -15.63 14.49
N GLN A 132 0.99 -16.24 15.67
CA GLN A 132 2.24 -16.64 16.26
C GLN A 132 3.01 -17.64 15.41
N THR A 133 2.31 -18.60 14.80
CA THR A 133 3.00 -19.71 14.15
C THR A 133 3.20 -19.55 12.63
N GLU A 134 2.38 -18.74 11.98
CA GLU A 134 2.41 -18.67 10.51
C GLU A 134 2.80 -17.32 9.96
N ILE A 135 2.65 -16.27 10.77
CA ILE A 135 2.85 -14.90 10.26
C ILE A 135 4.22 -14.36 10.63
N ASP A 136 4.91 -13.77 9.66
CA ASP A 136 6.21 -13.17 9.93
C ASP A 136 6.04 -11.74 10.40
N GLU A 137 5.21 -10.97 9.70
CA GLU A 137 5.01 -9.55 10.03
C GLU A 137 3.56 -9.16 9.90
N GLU A 138 3.11 -8.33 10.83
CA GLU A 138 1.76 -7.78 10.78
C GLU A 138 1.84 -6.28 10.45
N TRP A 139 1.07 -5.85 9.46
CA TRP A 139 1.09 -4.46 8.98
C TRP A 139 -0.32 -3.89 8.90
N SER A 140 -0.43 -2.59 9.15
CA SER A 140 -1.69 -1.86 8.99
C SER A 140 -1.55 -0.78 7.93
N ILE A 141 -2.58 -0.60 7.09
CA ILE A 141 -2.50 0.50 6.12
C ILE A 141 -3.01 1.81 6.69
N GLY A 142 -3.61 1.75 7.88
CA GLY A 142 -4.10 2.97 8.51
C GLY A 142 -4.99 2.68 9.70
N ASP A 143 -5.17 3.70 10.53
CA ASP A 143 -5.92 3.58 11.78
C ASP A 143 -7.42 3.73 11.54
N TYR A 144 -7.97 2.79 10.78
CA TYR A 144 -9.40 2.71 10.53
C TYR A 144 -9.72 1.23 10.35
N VAL A 145 -11.00 0.88 10.45
CA VAL A 145 -11.38 -0.53 10.41
C VAL A 145 -12.16 -0.84 9.14
N LEU A 146 -11.73 -1.88 8.44
CA LEU A 146 -12.37 -2.31 7.21
C LEU A 146 -13.06 -3.65 7.40
N THR A 147 -13.84 -4.06 6.39
CA THR A 147 -14.57 -5.32 6.49
C THR A 147 -13.71 -6.55 6.20
N GLY A 148 -12.54 -6.37 5.60
CA GLY A 148 -11.66 -7.49 5.34
C GLY A 148 -10.27 -7.02 4.96
N GLY A 149 -9.32 -7.94 4.87
CA GLY A 149 -7.95 -7.54 4.56
C GLY A 149 -7.62 -7.43 3.09
N GLU A 150 -8.59 -7.67 2.21
CA GLU A 150 -8.32 -7.63 0.78
C GLU A 150 -7.95 -6.22 0.26
N LEU A 151 -8.69 -5.20 0.64
CA LEU A 151 -8.33 -3.85 0.19
C LEU A 151 -6.94 -3.44 0.71
N PRO A 152 -6.65 -3.70 2.00
CA PRO A 152 -5.28 -3.41 2.46
C PRO A 152 -4.23 -4.20 1.70
N ALA A 153 -4.52 -5.46 1.38
CA ALA A 153 -3.57 -6.26 0.62
C ALA A 153 -3.34 -5.66 -0.76
N MET A 154 -4.42 -5.25 -1.42
CA MET A 154 -4.27 -4.69 -2.76
CA MET A 154 -4.34 -4.66 -2.76
C MET A 154 -3.57 -3.35 -2.71
N THR A 155 -3.83 -2.57 -1.67
CA THR A 155 -3.14 -1.29 -1.45
C THR A 155 -1.63 -1.53 -1.33
N LEU A 156 -1.24 -2.50 -0.52
CA LEU A 156 0.15 -2.87 -0.35
CA LEU A 156 0.17 -2.83 -0.37
C LEU A 156 0.78 -3.28 -1.69
N ILE A 157 0.08 -4.12 -2.43
CA ILE A 157 0.60 -4.62 -3.71
C ILE A 157 0.81 -3.46 -4.67
N ASP A 158 -0.17 -2.57 -4.74
CA ASP A 158 -0.09 -1.42 -5.65
C ASP A 158 1.13 -0.56 -5.29
N ALA A 159 1.30 -0.32 -3.98
CA ALA A 159 2.38 0.55 -3.52
C ALA A 159 3.75 -0.07 -3.81
N VAL A 160 3.91 -1.36 -3.55
CA VAL A 160 5.22 -1.97 -3.78
C VAL A 160 5.48 -2.18 -5.27
N ALA A 161 4.42 -2.38 -6.05
CA ALA A 161 4.56 -2.58 -7.48
C ALA A 161 5.23 -1.40 -8.17
N ARG A 162 5.02 -0.20 -7.63
CA ARG A 162 5.61 1.01 -8.20
C ARG A 162 7.15 0.99 -8.16
N PHE A 163 7.72 0.12 -7.32
CA PHE A 163 9.17 0.04 -7.20
C PHE A 163 9.81 -1.05 -8.07
N ILE A 164 8.98 -1.88 -8.69
CA ILE A 164 9.49 -2.89 -9.61
C ILE A 164 9.94 -2.19 -10.88
N PRO A 165 11.20 -2.42 -11.29
CA PRO A 165 11.69 -1.74 -12.50
C PRO A 165 10.85 -2.11 -13.70
N GLY A 166 10.49 -1.12 -14.50
CA GLY A 166 9.71 -1.36 -15.70
C GLY A 166 8.23 -1.14 -15.52
N VAL A 167 7.77 -1.08 -14.27
CA VAL A 167 6.35 -0.92 -14.03
C VAL A 167 5.90 0.51 -14.31
N LEU A 168 6.70 1.48 -13.88
CA LEU A 168 6.40 2.88 -14.18
C LEU A 168 7.09 3.29 -15.47
N GLY A 169 6.63 4.38 -16.07
CA GLY A 169 7.17 4.85 -17.33
C GLY A 169 8.44 5.67 -17.16
N ASP A 181 11.28 12.88 -1.50
CA ASP A 181 12.15 13.55 -0.55
C ASP A 181 11.43 13.90 0.75
N GLY A 182 10.31 13.23 1.00
CA GLY A 182 9.61 13.37 2.28
C GLY A 182 8.62 14.51 2.31
N LEU A 183 8.44 15.17 1.17
CA LEU A 183 7.52 16.31 1.08
C LEU A 183 6.23 16.00 0.33
N LEU A 184 5.18 16.75 0.64
CA LEU A 184 3.96 16.70 -0.16
C LEU A 184 4.25 17.19 -1.57
N ASP A 185 3.45 16.75 -2.54
CA ASP A 185 3.62 17.18 -3.92
C ASP A 185 3.25 18.64 -4.11
N CYS A 186 3.79 19.26 -5.16
CA CYS A 186 3.42 20.62 -5.52
C CYS A 186 2.14 20.62 -6.36
N PRO A 187 1.54 21.80 -6.55
CA PRO A 187 0.42 21.92 -7.49
C PRO A 187 0.86 21.68 -8.92
N HIS A 188 -0.02 21.10 -9.74
CA HIS A 188 0.25 20.86 -11.15
C HIS A 188 -0.84 21.51 -11.98
N TYR A 189 -0.50 21.92 -13.20
CA TYR A 189 -1.46 22.58 -14.08
C TYR A 189 -1.36 22.00 -15.48
N THR A 190 -2.49 21.95 -16.17
CA THR A 190 -2.49 21.59 -17.58
C THR A 190 -3.49 22.50 -18.29
N ARG A 191 -3.75 22.27 -19.58
CA ARG A 191 -4.67 23.12 -20.31
C ARG A 191 -6.05 23.12 -19.67
N PRO A 192 -6.77 24.24 -19.76
CA PRO A 192 -6.48 25.49 -20.47
C PRO A 192 -5.68 26.50 -19.65
N GLU A 193 -5.16 27.54 -20.31
CA GLU A 193 -4.38 28.57 -19.61
C GLU A 193 -5.21 29.28 -18.55
N VAL A 194 -6.50 29.46 -18.83
CA VAL A 194 -7.42 30.04 -17.84
C VAL A 194 -8.62 29.14 -17.60
N LEU A 195 -8.89 28.85 -16.34
CA LEU A 195 -9.97 27.96 -15.95
C LEU A 195 -10.78 28.57 -14.81
N GLU A 196 -12.05 28.86 -15.08
CA GLU A 196 -12.92 29.51 -14.10
C GLU A 196 -12.28 30.78 -13.54
N GLY A 197 -11.64 31.55 -14.43
CA GLY A 197 -11.00 32.79 -14.02
C GLY A 197 -9.63 32.64 -13.41
N LEU A 198 -9.22 31.39 -13.16
CA LEU A 198 -7.94 31.09 -12.51
C LEU A 198 -6.86 30.80 -13.55
N THR A 199 -5.74 31.51 -13.44
CA THR A 199 -4.67 31.38 -14.43
C THR A 199 -3.57 30.45 -13.94
N VAL A 200 -2.73 29.98 -14.87
CA VAL A 200 -1.54 29.21 -14.53
C VAL A 200 -0.43 30.15 -14.06
N PRO A 201 0.26 29.80 -12.96
CA PRO A 201 1.40 30.61 -12.51
C PRO A 201 2.38 30.87 -13.66
N PRO A 202 2.67 32.15 -13.94
CA PRO A 202 3.50 32.52 -15.09
C PRO A 202 4.85 31.79 -15.13
N VAL A 203 5.40 31.46 -13.97
CA VAL A 203 6.69 30.76 -13.95
C VAL A 203 6.64 29.46 -14.74
N LEU A 204 5.52 28.73 -14.66
CA LEU A 204 5.39 27.46 -15.37
C LEU A 204 5.30 27.62 -16.89
N MET A 205 5.02 28.85 -17.34
CA MET A 205 4.95 29.14 -18.78
C MET A 205 6.26 29.73 -19.31
N SER A 206 7.19 30.01 -18.39
CA SER A 206 8.40 30.76 -18.72
C SER A 206 9.46 29.95 -19.45
N GLY A 207 9.36 28.62 -19.37
CA GLY A 207 10.37 27.77 -19.97
C GLY A 207 11.73 27.82 -19.28
N HIS A 208 11.80 28.43 -18.09
CA HIS A 208 13.05 28.46 -17.34
C HIS A 208 13.09 27.29 -16.37
N HIS A 209 13.80 26.24 -16.75
CA HIS A 209 13.74 24.98 -16.03
C HIS A 209 14.17 25.12 -14.57
N GLU A 210 15.19 25.94 -14.32
CA GLU A 210 15.69 26.12 -12.96
C GLU A 210 14.69 26.89 -12.09
N GLU A 211 14.12 27.97 -12.62
CA GLU A 211 13.09 28.71 -11.89
C GLU A 211 11.88 27.81 -11.60
N ILE A 212 11.50 27.00 -12.57
CA ILE A 212 10.38 26.08 -12.40
C ILE A 212 10.66 25.05 -11.31
N ARG A 213 11.88 24.50 -11.31
CA ARG A 213 12.25 23.52 -10.29
C ARG A 213 12.16 24.12 -8.90
N LYS A 214 12.70 25.33 -8.75
CA LYS A 214 12.72 25.96 -7.44
C LYS A 214 11.31 26.35 -6.98
N TRP A 215 10.47 26.78 -7.92
CA TRP A 215 9.07 27.09 -7.60
C TRP A 215 8.35 25.85 -7.07
N ARG A 216 8.54 24.73 -7.76
CA ARG A 216 7.87 23.50 -7.38
C ARG A 216 8.33 23.03 -6.00
N LEU A 217 9.63 23.14 -5.76
CA LEU A 217 10.20 22.74 -4.47
C LEU A 217 9.70 23.64 -3.35
N LYS A 218 9.70 24.94 -3.60
CA LYS A 218 9.16 25.89 -2.63
C LYS A 218 7.70 25.59 -2.32
N GLN A 219 6.91 25.29 -3.34
CA GLN A 219 5.51 24.95 -3.11
C GLN A 219 5.34 23.69 -2.28
N SER A 220 6.15 22.67 -2.55
CA SER A 220 6.09 21.44 -1.75
C SER A 220 6.46 21.72 -0.30
N LEU A 221 7.50 22.52 -0.09
CA LEU A 221 7.90 22.89 1.26
C LEU A 221 6.78 23.67 1.97
N GLN A 222 6.20 24.64 1.29
CA GLN A 222 5.11 25.43 1.86
C GLN A 222 3.90 24.56 2.23
N ARG A 223 3.51 23.68 1.30
CA ARG A 223 2.35 22.83 1.53
CA ARG A 223 2.35 22.81 1.51
C ARG A 223 2.59 21.84 2.66
N THR A 224 3.79 21.29 2.75
CA THR A 224 4.11 20.37 3.83
C THR A 224 4.07 21.10 5.17
N TRP A 225 4.66 22.30 5.23
CA TRP A 225 4.63 23.10 6.44
C TRP A 225 3.20 23.41 6.90
N LEU A 226 2.35 23.80 5.97
CA LEU A 226 0.99 24.24 6.31
C LEU A 226 0.07 23.07 6.65
N ARG A 227 0.20 21.96 5.93
CA ARG A 227 -0.74 20.84 6.08
C ARG A 227 -0.25 19.73 6.98
N ARG A 228 1.07 19.49 6.97
CA ARG A 228 1.66 18.34 7.64
C ARG A 228 2.98 18.73 8.27
N PRO A 229 2.97 19.71 9.17
CA PRO A 229 4.24 20.23 9.69
C PRO A 229 5.06 19.16 10.40
N GLU A 230 4.42 18.10 10.90
CA GLU A 230 5.17 17.06 11.60
C GLU A 230 6.10 16.31 10.64
N LEU A 231 5.74 16.26 9.35
CA LEU A 231 6.61 15.62 8.37
C LEU A 231 7.95 16.34 8.21
N LEU A 232 7.94 17.66 8.40
CA LEU A 232 9.16 18.46 8.29
C LEU A 232 10.15 18.13 9.39
N GLU A 233 9.63 17.77 10.56
CA GLU A 233 10.46 17.44 11.71
C GLU A 233 11.38 16.25 11.43
N GLY A 234 10.95 15.37 10.54
CA GLY A 234 11.67 14.14 10.27
C GLY A 234 12.73 14.32 9.21
N LEU A 235 12.86 15.54 8.71
CA LEU A 235 13.76 15.81 7.60
C LEU A 235 14.95 16.67 8.03
N ALA A 236 16.07 16.40 7.38
CA ALA A 236 17.24 17.26 7.44
C ALA A 236 17.27 18.05 6.14
N LEU A 237 16.76 19.27 6.17
CA LEU A 237 16.62 20.04 4.94
C LEU A 237 17.97 20.46 4.37
N THR A 238 18.07 20.47 3.05
CA THR A 238 19.25 21.04 2.40
C THR A 238 19.27 22.56 2.59
N ASP A 239 20.43 23.18 2.35
CA ASP A 239 20.53 24.65 2.45
C ASP A 239 19.49 25.31 1.55
N GLU A 240 19.33 24.78 0.34
CA GLU A 240 18.38 25.32 -0.61
C GLU A 240 16.96 25.19 -0.08
N GLN A 241 16.66 24.04 0.50
CA GLN A 241 15.32 23.79 1.04
C GLN A 241 15.04 24.70 2.24
N ARG A 242 16.05 24.90 3.09
CA ARG A 242 15.90 25.82 4.22
C ARG A 242 15.56 27.23 3.75
N LYS A 243 16.25 27.68 2.70
CA LYS A 243 16.05 29.02 2.15
C LYS A 243 14.64 29.19 1.58
N LEU A 244 14.22 28.23 0.77
CA LEU A 244 12.91 28.31 0.13
C LEU A 244 11.77 28.20 1.15
N LEU A 245 11.93 27.33 2.15
CA LEU A 245 10.94 27.25 3.22
C LEU A 245 10.86 28.57 3.99
N LYS A 246 12.01 29.17 4.30
CA LYS A 246 12.01 30.47 4.98
C LYS A 246 11.33 31.54 4.13
N GLU A 247 11.58 31.52 2.83
CA GLU A 247 10.92 32.48 1.93
C GLU A 247 9.41 32.31 1.97
N ALA A 248 8.97 31.05 1.89
CA ALA A 248 7.54 30.74 1.91
C ALA A 248 6.88 31.18 3.19
N GLN A 249 7.55 30.95 4.32
CA GLN A 249 7.01 31.31 5.61
C GLN A 249 6.92 32.83 5.74
N ALA A 250 7.91 33.54 5.20
CA ALA A 250 7.89 35.01 5.21
C ALA A 250 6.73 35.56 4.39
N GLU A 251 6.48 34.97 3.23
CA GLU A 251 5.42 35.43 2.34
C GLU A 251 4.05 35.12 2.93
N HIS A 252 3.96 34.00 3.63
CA HIS A 252 2.74 33.63 4.32
C HIS A 252 2.41 34.63 5.43
N ASN A 253 3.44 35.10 6.11
CA ASN A 253 3.29 36.12 7.14
C ASN A 253 3.22 37.53 6.54
N SER A 254 3.02 37.58 5.22
CA SER A 254 2.97 38.85 4.49
C SER A 254 4.29 39.61 4.61
C5 4FM B . -11.00 -7.62 8.90
C9 4FM B . -8.58 -7.57 9.02
C6 4FM B . -11.01 -8.92 9.39
C8 4FM B . -8.58 -8.89 9.53
C4 4FM B . -9.81 -6.94 8.71
C7 4FM B . -9.80 -9.51 9.70
C1 4FM B . -6.78 -3.41 8.06
C 4FM B . -6.11 -2.12 8.30
C2 4FM B . -8.18 -3.74 8.35
C3 4FM B . -9.88 -5.53 8.22
N2 4FM B . -5.87 -4.23 7.48
N1 4FM B . -4.84 -2.26 7.84
N 4FM B . -6.68 -1.03 8.88
N3 4FM B . -8.53 -5.02 7.99
O1 4FM B . -8.97 -2.92 8.86
O 4FM B . -4.75 -3.54 7.36
CL 4FM B . -9.88 -11.11 10.39
H5 4FM B . -11.94 -7.13 8.65
H8 4FM B . -7.65 -7.03 8.87
H6 4FM B . -11.93 -9.48 9.54
H7 4FM B . -7.65 -9.41 9.77
H4 4FM B . -10.42 -4.89 8.91
H3 4FM B . -10.42 -5.47 7.26
H1 4FM B . -7.64 -1.05 9.18
H 4FM B . -6.13 -0.18 9.00
H2 4FM B . -7.85 -5.64 7.56
#